data_8ZKE
#
_entry.id   8ZKE
#
_cell.length_a   1.00
_cell.length_b   1.00
_cell.length_c   1.00
_cell.angle_alpha   90.00
_cell.angle_beta   90.00
_cell.angle_gamma   90.00
#
_symmetry.space_group_name_H-M   'P 1'
#
loop_
_entity.id
_entity.type
_entity.pdbx_description
1 polymer 'Muropeptide transporter'
2 non-polymer '(2R)-2-[[(1R,2S,3R,4R,5R)-4-acetamido-2-[(2S,3R,4R,5S,6R)-3-acetamido-6-(hydroxymethyl)-4,5-bis(oxidanyl)oxan-2-yl]oxy-6,8-dioxabicyclo[3.2.1]octan-3-yl]oxy]propanoic acid'
#
_entity_poly.entity_id   1
_entity_poly.type   'polypeptide(L)'
_entity_poly.pdbx_seq_one_letter_code
;MANHYLRIFQQPKSAILLILGFASGLPLALTSGTLQAWMTVENIDLKTIGFFSLVGQAYVFKFLWSPVMDRYTPPFLGRR
RGWLVTTQILLLIAIAAMGFLEPGTQLRWMAALAVVIAFCSASQDIVFDAWKTDVLPAEERGTGAAISVLGYRLGMLVSG
GLALWMADKWLGWQGMYWLMAALLVPCIIATLLAPEPSDVVPVPRTLEQAVVAPLRDFFGRNNAWLILLLIVLYKLGDAF
AMSLTTTFLIRGVGFDAGEVGMVNKTLGLIATIIGALYGGVLMQRLSLFRALLIFGILQGVSNAGYWLLSITDKHLMSMA
VAVFFENLCGGMGTAAFVALLMTLCNKSFSATQFALLSALSAVGRVYVGPIAGWFVEAHGWPTFYLFSVFAAVPGILLLL
ICRKTLEYTQQTESFMMRRHFSGAYQFALYLLLLGCLLLALWLIMLALNAIDYTSFSFLAGLLEVAALIAIAGVLLGAIL
DYLALRRTEEHKLA
;
_entity_poly.pdbx_strand_id   A
#
loop_
_chem_comp.id
_chem_comp.type
_chem_comp.name
_chem_comp.formula
2YP non-polymer '(2R)-2-[[(1R,2S,3R,4R,5R)-4-acetamido-2-[(2S,3R,4R,5S,6R)-3-acetamido-6-(hydroxymethyl)-4,5-bis(oxidanyl)oxan-2-yl]oxy-6,8-dioxabicyclo[3.2.1]octan-3-yl]oxy]propanoic acid' 'C19 H30 N2 O12'
#
# COMPACT_ATOMS: atom_id res chain seq x y z
N PRO A 12 24.09 -1.25 -14.73
CA PRO A 12 22.84 -0.62 -15.14
C PRO A 12 21.67 -1.62 -15.24
N LYS A 13 21.92 -2.86 -14.81
CA LYS A 13 20.87 -3.87 -14.86
C LYS A 13 19.72 -3.50 -13.94
N SER A 14 20.02 -2.94 -12.77
CA SER A 14 18.97 -2.61 -11.81
C SER A 14 18.26 -1.31 -12.16
N ALA A 15 18.78 -0.53 -13.10
CA ALA A 15 18.16 0.76 -13.38
C ALA A 15 16.82 0.57 -14.04
N ILE A 16 16.56 -0.63 -14.56
CA ILE A 16 15.31 -0.89 -15.24
C ILE A 16 14.19 -0.90 -14.21
N LEU A 17 14.45 -1.48 -13.04
CA LEU A 17 13.36 -1.73 -12.11
C LEU A 17 12.74 -0.43 -11.62
N LEU A 18 13.56 0.56 -11.25
CA LEU A 18 13.02 1.77 -10.63
C LEU A 18 12.05 2.48 -11.55
N ILE A 19 12.41 2.62 -12.83
CA ILE A 19 11.53 3.29 -13.77
C ILE A 19 10.22 2.52 -13.89
N LEU A 20 10.31 1.19 -14.00
CA LEU A 20 9.09 0.39 -14.04
C LEU A 20 8.39 0.37 -12.69
N GLY A 21 9.09 0.71 -11.61
CA GLY A 21 8.46 0.72 -10.30
C GLY A 21 7.39 1.78 -10.24
N PHE A 22 7.69 2.96 -10.80
CA PHE A 22 6.71 4.03 -10.81
C PHE A 22 5.46 3.61 -11.58
N ALA A 23 5.62 2.71 -12.57
CA ALA A 23 4.43 2.18 -13.25
C ALA A 23 3.54 1.40 -12.31
N SER A 24 4.12 0.67 -11.36
CA SER A 24 3.34 -0.14 -10.42
C SER A 24 3.34 0.45 -9.02
N GLY A 25 3.67 1.73 -8.87
CA GLY A 25 3.58 2.40 -7.58
C GLY A 25 2.67 3.60 -7.58
N LEU A 26 2.39 4.16 -8.76
CA LEU A 26 1.54 5.34 -8.83
C LEU A 26 0.08 5.01 -8.56
N PRO A 27 -0.55 4.07 -9.25
CA PRO A 27 -2.01 3.93 -9.14
C PRO A 27 -2.49 3.52 -7.75
N LEU A 28 -1.56 3.31 -6.82
CA LEU A 28 -1.96 2.81 -5.50
C LEU A 28 -2.66 3.88 -4.68
N ALA A 29 -2.26 5.13 -4.83
CA ALA A 29 -2.80 6.21 -4.01
C ALA A 29 -3.99 6.91 -4.65
N LEU A 30 -4.25 6.69 -5.94
CA LEU A 30 -5.31 7.45 -6.60
C LEU A 30 -6.69 6.97 -6.22
N THR A 31 -6.81 5.71 -5.79
CA THR A 31 -8.05 5.18 -5.27
C THR A 31 -8.06 5.13 -3.74
N SER A 32 -6.97 5.56 -3.12
CA SER A 32 -6.79 5.43 -1.65
C SER A 32 -6.79 6.80 -0.95
N GLY A 33 -5.63 7.38 -0.66
CA GLY A 33 -5.54 8.60 0.13
C GLY A 33 -5.89 9.85 -0.62
N THR A 34 -5.61 9.89 -1.93
CA THR A 34 -5.95 11.10 -2.68
C THR A 34 -7.43 11.16 -3.00
N LEU A 35 -8.08 10.01 -3.18
CA LEU A 35 -9.52 10.03 -3.39
C LEU A 35 -10.22 10.50 -2.12
N GLN A 36 -9.69 10.13 -0.96
CA GLN A 36 -10.30 10.54 0.29
C GLN A 36 -10.01 12.00 0.58
N ALA A 37 -8.84 12.49 0.17
CA ALA A 37 -8.57 13.92 0.32
C ALA A 37 -9.47 14.74 -0.60
N TRP A 38 -9.70 14.24 -1.82
CA TRP A 38 -10.56 14.92 -2.77
C TRP A 38 -12.02 14.94 -2.31
N MET A 39 -12.45 13.89 -1.63
CA MET A 39 -13.81 13.90 -1.10
C MET A 39 -13.91 14.68 0.21
N THR A 40 -12.86 14.69 1.02
CA THR A 40 -12.87 15.36 2.31
C THR A 40 -12.62 16.86 2.18
N VAL A 41 -12.16 17.31 1.01
CA VAL A 41 -12.10 18.74 0.75
C VAL A 41 -13.51 19.28 0.52
N GLU A 42 -14.36 18.51 -0.17
CA GLU A 42 -15.76 18.83 -0.15
C GLU A 42 -16.38 18.25 1.12
N ASN A 43 -17.62 18.63 1.41
CA ASN A 43 -18.28 18.14 2.61
C ASN A 43 -18.53 16.64 2.54
N ILE A 44 -19.37 16.21 1.60
CA ILE A 44 -19.69 14.81 1.35
C ILE A 44 -19.66 13.99 2.64
N ASP A 45 -20.40 14.45 3.65
CA ASP A 45 -20.53 13.72 4.90
C ASP A 45 -19.17 13.35 5.48
N LEU A 46 -19.15 12.42 6.43
CA LEU A 46 -17.94 11.92 7.07
C LEU A 46 -17.81 10.42 6.96
N LYS A 47 -18.91 9.69 7.11
CA LYS A 47 -18.89 8.23 7.04
C LYS A 47 -18.55 7.74 5.64
N THR A 48 -19.13 8.37 4.61
CA THR A 48 -18.92 7.88 3.25
C THR A 48 -17.50 8.16 2.76
N ILE A 49 -16.78 9.09 3.39
CA ILE A 49 -15.38 9.28 3.01
C ILE A 49 -14.59 8.01 3.27
N GLY A 50 -14.81 7.38 4.42
CA GLY A 50 -14.23 6.07 4.67
C GLY A 50 -14.96 4.91 4.02
N PHE A 51 -16.13 5.12 3.43
CA PHE A 51 -16.78 4.02 2.74
C PHE A 51 -16.08 3.63 1.46
N PHE A 52 -15.00 4.33 1.10
CA PHE A 52 -14.20 3.98 -0.06
C PHE A 52 -12.99 3.15 0.38
N SER A 53 -13.31 2.00 0.96
CA SER A 53 -12.33 1.01 1.35
C SER A 53 -12.53 -0.33 0.67
N LEU A 54 -13.75 -0.66 0.26
CA LEU A 54 -14.03 -1.85 -0.52
C LEU A 54 -13.68 -1.67 -1.99
N VAL A 55 -13.21 -0.48 -2.37
CA VAL A 55 -12.83 -0.24 -3.76
C VAL A 55 -11.68 -1.14 -4.14
N GLY A 56 -10.74 -1.34 -3.23
CA GLY A 56 -9.60 -2.16 -3.56
C GLY A 56 -9.87 -3.60 -3.22
N GLN A 57 -11.13 -4.03 -3.41
CA GLN A 57 -11.46 -5.43 -3.12
C GLN A 57 -10.65 -6.36 -4.01
N ALA A 58 -10.16 -5.85 -5.14
CA ALA A 58 -9.38 -6.67 -6.07
C ALA A 58 -8.06 -7.09 -5.46
N TYR A 59 -7.61 -6.46 -4.38
CA TYR A 59 -6.38 -6.83 -3.70
C TYR A 59 -6.56 -7.92 -2.65
N VAL A 60 -7.71 -8.61 -2.64
CA VAL A 60 -7.89 -9.79 -1.80
C VAL A 60 -8.37 -11.00 -2.59
N PHE A 61 -8.60 -10.86 -3.89
CA PHE A 61 -8.97 -11.97 -4.76
C PHE A 61 -7.96 -12.15 -5.89
N LYS A 62 -6.78 -11.54 -5.74
CA LYS A 62 -5.77 -11.56 -6.80
C LYS A 62 -5.11 -12.92 -6.93
N PHE A 63 -5.11 -13.74 -5.87
CA PHE A 63 -4.57 -15.08 -5.98
C PHE A 63 -5.54 -16.04 -6.65
N LEU A 64 -6.84 -15.77 -6.59
CA LEU A 64 -7.81 -16.65 -7.21
C LEU A 64 -7.67 -16.72 -8.72
N TRP A 65 -7.00 -15.73 -9.33
CA TRP A 65 -6.77 -15.73 -10.77
C TRP A 65 -5.33 -15.37 -11.12
N SER A 66 -4.41 -15.54 -10.17
CA SER A 66 -3.01 -15.24 -10.46
C SER A 66 -2.44 -16.04 -11.63
N PRO A 67 -2.66 -17.35 -11.72
CA PRO A 67 -2.02 -18.13 -12.80
C PRO A 67 -2.75 -18.10 -14.12
N VAL A 68 -4.05 -17.80 -14.13
CA VAL A 68 -4.81 -17.83 -15.38
C VAL A 68 -4.29 -16.78 -16.34
N MET A 69 -3.93 -15.60 -15.81
CA MET A 69 -3.50 -14.50 -16.68
C MET A 69 -2.26 -14.91 -17.46
N ASP A 70 -1.30 -15.55 -16.80
CA ASP A 70 -0.05 -15.93 -17.43
C ASP A 70 -0.15 -17.35 -18.00
N ARG A 71 0.96 -17.81 -18.58
CA ARG A 71 1.12 -19.16 -19.11
C ARG A 71 0.56 -19.30 -20.52
N TYR A 72 -0.75 -19.10 -20.70
CA TYR A 72 -1.29 -19.23 -22.05
C TYR A 72 -0.92 -18.01 -22.89
N THR A 73 -1.24 -16.82 -22.39
CA THR A 73 -0.86 -15.56 -23.03
C THR A 73 -0.76 -15.66 -24.55
N PRO A 74 -1.82 -16.05 -25.25
CA PRO A 74 -1.70 -16.28 -26.70
C PRO A 74 -1.18 -15.04 -27.39
N PRO A 75 -0.35 -15.19 -28.43
CA PRO A 75 0.38 -14.02 -28.95
C PRO A 75 -0.50 -12.90 -29.48
N PHE A 76 -1.57 -13.22 -30.21
CA PHE A 76 -2.46 -12.18 -30.71
C PHE A 76 -3.13 -11.42 -29.58
N LEU A 77 -3.63 -12.12 -28.56
CA LEU A 77 -4.22 -11.45 -27.41
C LEU A 77 -3.17 -10.69 -26.61
N GLY A 78 -2.02 -11.30 -26.36
CA GLY A 78 -0.99 -10.72 -25.53
C GLY A 78 0.35 -11.38 -25.78
N ARG A 79 1.40 -10.69 -25.34
CA ARG A 79 2.80 -11.10 -25.37
C ARG A 79 3.52 -10.64 -26.63
N ARG A 80 2.78 -10.14 -27.63
CA ARG A 80 3.43 -9.56 -28.80
C ARG A 80 4.02 -8.20 -28.45
N ARG A 81 3.60 -7.67 -27.32
CA ARG A 81 4.22 -6.56 -26.61
C ARG A 81 4.17 -6.93 -25.14
N GLY A 82 5.10 -6.41 -24.34
CA GLY A 82 5.15 -6.81 -22.95
C GLY A 82 3.83 -6.54 -22.27
N TRP A 83 3.49 -7.39 -21.30
CA TRP A 83 2.17 -7.26 -20.68
C TRP A 83 2.09 -6.06 -19.75
N LEU A 84 3.22 -5.55 -19.29
CA LEU A 84 3.16 -4.30 -18.53
C LEU A 84 2.54 -3.19 -19.36
N VAL A 85 2.60 -3.30 -20.69
CA VAL A 85 1.91 -2.35 -21.55
C VAL A 85 0.44 -2.67 -21.64
N THR A 86 0.10 -3.96 -21.76
CA THR A 86 -1.29 -4.38 -21.90
C THR A 86 -2.07 -4.12 -20.62
N THR A 87 -1.39 -3.82 -19.52
CA THR A 87 -2.04 -3.35 -18.31
C THR A 87 -1.92 -1.86 -18.11
N GLN A 88 -0.77 -1.25 -18.45
CA GLN A 88 -0.51 0.13 -18.09
C GLN A 88 -1.26 1.08 -19.02
N ILE A 89 -1.38 0.73 -20.30
CA ILE A 89 -2.11 1.61 -21.21
C ILE A 89 -3.58 1.59 -20.83
N LEU A 90 -4.12 0.41 -20.54
CA LEU A 90 -5.52 0.36 -20.18
C LEU A 90 -5.74 1.14 -18.89
N LEU A 91 -4.84 0.97 -17.92
CA LEU A 91 -4.95 1.71 -16.67
C LEU A 91 -5.03 3.21 -16.91
N LEU A 92 -4.28 3.69 -17.91
CA LEU A 92 -4.19 5.14 -18.12
C LEU A 92 -5.55 5.76 -18.45
N ILE A 93 -6.32 5.11 -19.32
CA ILE A 93 -7.62 5.66 -19.69
C ILE A 93 -8.56 5.70 -18.50
N ALA A 94 -8.53 4.64 -17.69
CA ALA A 94 -9.44 4.59 -16.54
C ALA A 94 -9.06 5.66 -15.53
N ILE A 95 -7.75 5.87 -15.31
CA ILE A 95 -7.37 6.84 -14.29
C ILE A 95 -7.75 8.23 -14.77
N ALA A 96 -7.47 8.54 -16.04
CA ALA A 96 -7.77 9.88 -16.54
C ALA A 96 -9.27 10.14 -16.49
N ALA A 97 -10.08 9.17 -16.88
CA ALA A 97 -11.53 9.35 -16.85
C ALA A 97 -12.11 9.36 -15.44
N MET A 98 -11.37 8.84 -14.44
CA MET A 98 -11.86 8.84 -13.07
C MET A 98 -12.17 10.25 -12.57
N GLY A 99 -11.18 11.14 -12.64
CA GLY A 99 -11.39 12.50 -12.17
C GLY A 99 -12.19 13.40 -13.10
N PHE A 100 -12.27 13.04 -14.38
CA PHE A 100 -13.01 13.87 -15.32
C PHE A 100 -14.50 13.92 -15.04
N LEU A 101 -15.02 13.02 -14.19
CA LEU A 101 -16.45 12.94 -13.93
C LEU A 101 -16.84 13.96 -12.85
N GLU A 102 -18.07 13.87 -12.36
CA GLU A 102 -18.60 14.90 -11.47
C GLU A 102 -17.94 14.81 -10.10
N PRO A 103 -17.47 15.93 -9.52
CA PRO A 103 -16.75 15.85 -8.25
C PRO A 103 -17.62 15.49 -7.06
N GLY A 104 -18.69 16.26 -6.86
CA GLY A 104 -19.60 15.99 -5.77
C GLY A 104 -21.06 16.11 -6.13
N THR A 105 -21.37 16.50 -7.37
CA THR A 105 -22.76 16.63 -7.76
C THR A 105 -23.40 15.25 -7.91
N GLN A 106 -22.84 14.41 -8.78
CA GLN A 106 -23.33 13.06 -9.02
C GLN A 106 -22.15 12.12 -8.87
N LEU A 107 -22.16 11.30 -7.83
CA LEU A 107 -21.04 10.45 -7.48
C LEU A 107 -21.10 9.07 -8.12
N ARG A 108 -21.81 8.93 -9.25
CA ARG A 108 -21.99 7.62 -9.86
C ARG A 108 -20.69 6.91 -10.16
N TRP A 109 -19.55 7.58 -10.05
CA TRP A 109 -18.25 6.99 -10.37
C TRP A 109 -17.71 6.11 -9.25
N MET A 110 -18.40 6.00 -8.11
CA MET A 110 -17.87 5.26 -6.97
C MET A 110 -17.36 3.89 -7.38
N ALA A 111 -17.97 3.30 -8.40
CA ALA A 111 -17.57 1.99 -8.90
C ALA A 111 -17.19 2.02 -10.36
N ALA A 112 -17.60 3.05 -11.12
CA ALA A 112 -17.26 3.09 -12.53
C ALA A 112 -15.75 3.15 -12.75
N LEU A 113 -15.00 3.76 -11.82
CA LEU A 113 -13.56 3.91 -11.98
C LEU A 113 -12.76 3.58 -10.74
N ALA A 114 -13.42 3.19 -9.64
CA ALA A 114 -12.69 2.69 -8.48
C ALA A 114 -12.36 1.21 -8.60
N VAL A 115 -13.37 0.39 -8.90
CA VAL A 115 -13.13 -1.06 -9.04
C VAL A 115 -12.26 -1.35 -10.26
N VAL A 116 -12.47 -0.65 -11.37
CA VAL A 116 -11.65 -0.85 -12.55
C VAL A 116 -10.19 -0.49 -12.29
N ILE A 117 -9.95 0.62 -11.59
CA ILE A 117 -8.58 1.00 -11.27
C ILE A 117 -7.90 -0.05 -10.42
N ALA A 118 -8.58 -0.52 -9.37
CA ALA A 118 -7.97 -1.54 -8.52
C ALA A 118 -7.75 -2.83 -9.31
N PHE A 119 -8.69 -3.18 -10.19
CA PHE A 119 -8.52 -4.41 -10.96
C PHE A 119 -7.29 -4.31 -11.83
N CYS A 120 -7.11 -3.16 -12.48
CA CYS A 120 -5.97 -3.00 -13.39
C CYS A 120 -4.66 -3.04 -12.60
N SER A 121 -4.63 -2.37 -11.45
CA SER A 121 -3.39 -2.35 -10.68
C SER A 121 -3.05 -3.75 -10.18
N ALA A 122 -4.06 -4.46 -9.64
CA ALA A 122 -3.83 -5.82 -9.18
C ALA A 122 -3.45 -6.74 -10.33
N SER A 123 -3.83 -6.41 -11.57
CA SER A 123 -3.41 -7.20 -12.72
C SER A 123 -2.02 -6.83 -13.17
N GLN A 124 -1.53 -5.66 -12.78
CA GLN A 124 -0.24 -5.16 -13.23
C GLN A 124 0.87 -5.62 -12.29
N ASP A 125 0.63 -5.49 -10.98
CA ASP A 125 1.59 -5.93 -9.98
C ASP A 125 1.81 -7.44 -10.04
N ILE A 126 0.81 -8.22 -10.44
CA ILE A 126 0.99 -9.66 -10.61
C ILE A 126 1.93 -9.95 -11.78
N VAL A 127 1.72 -9.29 -12.93
CA VAL A 127 2.56 -9.57 -14.07
C VAL A 127 3.93 -8.95 -13.89
N PHE A 128 4.05 -7.98 -12.99
CA PHE A 128 5.30 -7.29 -12.72
C PHE A 128 6.13 -8.01 -11.68
N ASP A 129 5.55 -9.00 -10.98
CA ASP A 129 6.26 -9.87 -10.06
C ASP A 129 6.51 -11.26 -10.63
N ALA A 130 5.95 -11.59 -11.79
CA ALA A 130 6.00 -12.94 -12.34
C ALA A 130 6.83 -13.02 -13.62
N TRP A 131 6.52 -12.19 -14.61
CA TRP A 131 7.11 -12.31 -15.94
C TRP A 131 8.44 -11.59 -16.07
N LYS A 132 8.81 -10.75 -15.10
CA LYS A 132 10.03 -9.97 -15.15
C LYS A 132 10.86 -10.02 -13.88
N THR A 133 10.29 -10.43 -12.75
CA THR A 133 10.98 -10.35 -11.47
C THR A 133 11.90 -11.54 -11.28
N ASP A 134 11.38 -12.75 -11.44
CA ASP A 134 12.15 -13.97 -11.18
C ASP A 134 12.64 -14.60 -12.46
N VAL A 135 12.20 -14.12 -13.62
CA VAL A 135 12.63 -14.68 -14.89
C VAL A 135 14.02 -14.15 -15.25
N LEU A 136 14.28 -12.87 -14.97
CA LEU A 136 15.56 -12.24 -15.26
C LEU A 136 16.11 -11.56 -14.01
N PRO A 137 16.27 -12.30 -12.90
CA PRO A 137 16.78 -11.68 -11.68
C PRO A 137 18.29 -11.65 -11.63
N ALA A 138 18.91 -12.54 -12.42
CA ALA A 138 20.33 -12.88 -12.29
C ALA A 138 20.63 -13.44 -10.90
N GLU A 139 19.96 -14.55 -10.58
CA GLU A 139 20.21 -15.26 -9.33
C GLU A 139 19.79 -14.44 -8.11
N GLU A 140 20.76 -13.79 -7.47
CA GLU A 140 20.51 -13.04 -6.24
C GLU A 140 19.30 -12.12 -6.41
N ARG A 141 18.29 -12.34 -5.58
CA ARG A 141 17.07 -11.54 -5.63
C ARG A 141 16.91 -10.63 -4.41
N GLY A 142 17.87 -10.64 -3.49
CA GLY A 142 17.78 -9.80 -2.31
C GLY A 142 17.91 -8.33 -2.64
N THR A 143 19.07 -7.90 -3.15
CA THR A 143 19.21 -6.50 -3.52
C THR A 143 18.38 -6.18 -4.75
N GLY A 144 18.22 -7.15 -5.65
CA GLY A 144 17.46 -6.89 -6.85
C GLY A 144 16.02 -6.59 -6.51
N ALA A 145 15.51 -7.21 -5.44
CA ALA A 145 14.14 -6.96 -5.04
C ALA A 145 14.07 -5.79 -4.08
N ALA A 146 15.19 -5.49 -3.40
CA ALA A 146 15.23 -4.37 -2.47
C ALA A 146 15.22 -3.05 -3.24
N ILE A 147 15.54 -3.09 -4.53
CA ILE A 147 15.52 -1.86 -5.31
C ILE A 147 14.08 -1.53 -5.73
N SER A 148 13.25 -2.56 -5.88
CA SER A 148 11.87 -2.35 -6.29
C SER A 148 11.07 -1.66 -5.20
N VAL A 149 11.18 -2.16 -3.96
CA VAL A 149 10.55 -1.50 -2.83
C VAL A 149 10.84 0.00 -2.86
N LEU A 150 12.04 0.41 -3.28
CA LEU A 150 12.35 1.83 -3.33
C LEU A 150 11.77 2.51 -4.58
N GLY A 151 11.70 1.79 -5.69
CA GLY A 151 11.03 2.24 -6.89
C GLY A 151 9.52 2.18 -6.82
N TYR A 152 9.02 1.86 -5.63
CA TYR A 152 7.59 1.83 -5.33
C TYR A 152 7.29 2.84 -4.24
N ARG A 153 7.98 2.76 -3.09
CA ARG A 153 7.84 3.80 -2.10
C ARG A 153 7.93 5.17 -2.78
N LEU A 154 8.85 5.32 -3.74
CA LEU A 154 9.01 6.63 -4.32
C LEU A 154 7.83 6.95 -5.22
N GLY A 155 7.19 5.92 -5.79
CA GLY A 155 6.01 6.17 -6.59
C GLY A 155 4.87 6.69 -5.74
N MET A 156 4.78 6.19 -4.50
CA MET A 156 3.72 6.68 -3.62
C MET A 156 4.06 8.07 -3.11
N LEU A 157 5.35 8.38 -3.00
CA LEU A 157 5.75 9.74 -2.62
C LEU A 157 5.42 10.74 -3.72
N VAL A 158 5.63 10.37 -4.98
CA VAL A 158 5.30 11.27 -6.09
C VAL A 158 3.81 11.59 -6.08
N SER A 159 2.98 10.57 -5.89
CA SER A 159 1.55 10.78 -5.72
C SER A 159 1.27 11.02 -4.24
N GLY A 160 -0.01 11.02 -3.86
CA GLY A 160 -0.33 11.18 -2.46
C GLY A 160 -0.09 12.61 -2.01
N GLY A 161 0.59 12.77 -0.89
CA GLY A 161 0.79 14.07 -0.28
C GLY A 161 1.38 15.14 -1.18
N LEU A 162 2.61 14.94 -1.66
CA LEU A 162 3.25 15.95 -2.48
C LEU A 162 2.48 16.19 -3.78
N ALA A 163 1.80 15.17 -4.30
CA ALA A 163 1.04 15.35 -5.54
C ALA A 163 -0.04 16.40 -5.38
N LEU A 164 -0.79 16.35 -4.27
CA LEU A 164 -1.86 17.32 -4.05
C LEU A 164 -1.35 18.72 -3.77
N TRP A 165 -0.05 18.90 -3.53
CA TRP A 165 0.46 20.23 -3.23
C TRP A 165 0.21 21.19 -4.39
N MET A 166 0.48 20.73 -5.62
CA MET A 166 0.19 21.53 -6.81
C MET A 166 -1.30 21.51 -7.14
N ALA A 167 -1.97 20.38 -6.94
CA ALA A 167 -3.41 20.31 -7.23
C ALA A 167 -4.19 21.35 -6.45
N ASP A 168 -3.88 21.52 -5.17
CA ASP A 168 -4.57 22.51 -4.34
C ASP A 168 -4.39 23.92 -4.86
N LYS A 169 -3.16 24.31 -5.18
CA LYS A 169 -2.92 25.64 -5.74
C LYS A 169 -3.59 25.79 -7.10
N TRP A 170 -3.44 24.80 -7.96
CA TRP A 170 -4.06 24.84 -9.28
C TRP A 170 -5.58 24.75 -9.16
N LEU A 171 -6.26 25.32 -10.15
CA LEU A 171 -7.71 25.35 -10.17
C LEU A 171 -8.23 24.19 -11.01
N GLY A 172 -8.99 23.30 -10.37
CA GLY A 172 -9.54 22.14 -11.04
C GLY A 172 -8.74 20.88 -10.76
N TRP A 173 -9.28 20.01 -9.90
CA TRP A 173 -8.57 18.79 -9.54
C TRP A 173 -8.36 17.86 -10.72
N GLN A 174 -9.17 17.97 -11.77
CA GLN A 174 -8.98 17.12 -12.93
C GLN A 174 -7.61 17.34 -13.55
N GLY A 175 -7.05 18.54 -13.39
CA GLY A 175 -5.73 18.79 -13.92
C GLY A 175 -4.68 17.92 -13.26
N MET A 176 -4.84 17.66 -11.96
CA MET A 176 -3.90 16.77 -11.29
C MET A 176 -3.96 15.39 -11.95
N TYR A 177 -5.17 14.93 -12.27
CA TYR A 177 -5.30 13.65 -12.96
C TYR A 177 -4.51 13.68 -14.26
N TRP A 178 -4.53 14.81 -14.97
CA TRP A 178 -3.78 14.90 -16.22
C TRP A 178 -2.29 14.84 -15.93
N LEU A 179 -1.87 15.32 -14.76
CA LEU A 179 -0.47 15.17 -14.37
C LEU A 179 -0.14 13.69 -14.25
N MET A 180 -1.02 12.90 -13.65
CA MET A 180 -0.71 11.50 -13.37
C MET A 180 -0.77 10.70 -14.66
N ALA A 181 -1.76 11.00 -15.50
CA ALA A 181 -1.84 10.36 -16.80
C ALA A 181 -0.64 10.77 -17.63
N ALA A 182 -0.02 11.91 -17.31
CA ALA A 182 1.15 12.37 -18.01
C ALA A 182 2.42 11.81 -17.37
N LEU A 183 2.35 11.41 -16.09
CA LEU A 183 3.50 10.79 -15.44
C LEU A 183 3.63 9.34 -15.85
N LEU A 184 2.56 8.76 -16.39
CA LEU A 184 2.61 7.41 -16.92
C LEU A 184 3.24 7.37 -18.32
N VAL A 185 3.23 8.49 -19.04
CA VAL A 185 3.86 8.52 -20.36
C VAL A 185 5.34 8.15 -20.28
N PRO A 186 6.14 8.72 -19.37
CA PRO A 186 7.54 8.28 -19.29
C PRO A 186 7.62 6.79 -19.01
N CYS A 187 6.72 6.25 -18.20
CA CYS A 187 6.77 4.83 -17.88
C CYS A 187 6.64 4.02 -19.16
N ILE A 188 5.56 4.25 -19.91
CA ILE A 188 5.28 3.56 -21.16
C ILE A 188 6.45 3.70 -22.14
N ILE A 189 7.04 4.89 -22.23
CA ILE A 189 8.12 5.10 -23.19
C ILE A 189 9.43 4.46 -22.72
N ALA A 190 9.66 4.39 -21.42
CA ALA A 190 10.85 3.76 -20.88
C ALA A 190 10.68 2.25 -20.78
N THR A 191 9.46 1.74 -20.99
CA THR A 191 9.19 0.32 -21.03
C THR A 191 9.36 -0.22 -22.44
N LEU A 192 9.16 0.62 -23.45
CA LEU A 192 9.41 0.23 -24.83
C LEU A 192 10.90 0.10 -25.11
N LEU A 193 11.75 0.62 -24.23
CA LEU A 193 13.19 0.47 -24.33
C LEU A 193 13.80 -0.29 -23.16
N ALA A 194 13.00 -0.64 -22.16
CA ALA A 194 13.49 -1.39 -21.01
C ALA A 194 14.07 -2.73 -21.44
N LEU A 207 -3.91 -24.51 -19.02
CA LEU A 207 -3.88 -23.58 -17.90
C LEU A 207 -5.21 -23.58 -17.14
N GLU A 208 -6.12 -24.47 -17.55
CA GLU A 208 -7.43 -24.50 -16.90
C GLU A 208 -7.31 -24.89 -15.43
N GLN A 209 -6.43 -25.84 -15.11
CA GLN A 209 -6.28 -26.33 -13.76
C GLN A 209 -5.23 -25.56 -12.98
N ALA A 210 -4.62 -24.54 -13.59
CA ALA A 210 -3.57 -23.75 -12.97
C ALA A 210 -4.04 -23.05 -11.70
N VAL A 211 -5.33 -22.70 -11.62
CA VAL A 211 -5.83 -21.87 -10.53
C VAL A 211 -5.66 -22.54 -9.17
N VAL A 212 -5.87 -23.85 -9.07
CA VAL A 212 -5.98 -24.52 -7.79
C VAL A 212 -4.72 -25.28 -7.41
N ALA A 213 -4.06 -25.92 -8.37
CA ALA A 213 -2.90 -26.76 -8.05
C ALA A 213 -1.87 -26.10 -7.14
N PRO A 214 -1.58 -24.80 -7.26
CA PRO A 214 -0.63 -24.19 -6.31
C PRO A 214 -1.10 -24.23 -4.86
N LEU A 215 -2.35 -23.84 -4.60
CA LEU A 215 -2.83 -23.59 -3.25
C LEU A 215 -2.65 -24.76 -2.30
N ARG A 216 -2.38 -25.98 -2.79
CA ARG A 216 -2.33 -27.12 -1.89
C ARG A 216 -1.13 -27.10 -0.95
N ASP A 217 -0.12 -26.29 -1.25
CA ASP A 217 1.12 -26.29 -0.45
C ASP A 217 1.11 -25.22 0.64
N PHE A 218 0.07 -24.40 0.71
CA PHE A 218 -0.02 -23.39 1.76
C PHE A 218 -0.70 -23.89 3.02
N PHE A 219 -1.63 -24.82 2.90
CA PHE A 219 -2.30 -25.40 4.06
C PHE A 219 -1.77 -26.77 4.43
N GLY A 220 -0.68 -27.22 3.79
CA GLY A 220 -0.09 -28.50 4.08
C GLY A 220 0.83 -28.51 5.28
N ARG A 221 1.06 -27.34 5.88
CA ARG A 221 1.89 -27.22 7.07
C ARG A 221 1.08 -27.54 8.34
N ASN A 222 1.82 -27.75 9.43
CA ASN A 222 1.23 -27.63 10.77
C ASN A 222 0.68 -26.23 11.01
N ASN A 223 1.48 -25.21 10.68
CA ASN A 223 1.28 -23.85 11.17
C ASN A 223 0.63 -22.95 10.14
N ALA A 224 -0.08 -23.52 9.16
CA ALA A 224 -0.68 -22.70 8.11
C ALA A 224 -1.66 -21.68 8.68
N TRP A 225 -2.61 -22.13 9.49
CA TRP A 225 -3.60 -21.20 10.02
C TRP A 225 -2.97 -20.19 10.99
N LEU A 226 -2.00 -20.63 11.80
CA LEU A 226 -1.34 -19.69 12.70
C LEU A 226 -0.63 -18.59 11.92
N ILE A 227 0.07 -18.96 10.85
CA ILE A 227 0.75 -17.95 10.05
C ILE A 227 -0.28 -17.06 9.35
N LEU A 228 -1.40 -17.65 8.93
CA LEU A 228 -2.45 -16.86 8.29
C LEU A 228 -2.93 -15.77 9.22
N LEU A 229 -3.23 -16.14 10.47
CA LEU A 229 -3.70 -15.14 11.43
C LEU A 229 -2.62 -14.10 11.71
N LEU A 230 -1.37 -14.55 11.83
CA LEU A 230 -0.28 -13.63 12.16
C LEU A 230 -0.08 -12.60 11.06
N ILE A 231 -0.23 -13.01 9.79
CA ILE A 231 0.06 -12.10 8.70
C ILE A 231 -0.92 -10.93 8.72
N VAL A 232 -2.18 -11.19 9.08
CA VAL A 232 -3.20 -10.15 9.00
C VAL A 232 -3.27 -9.34 10.28
N LEU A 233 -3.23 -10.00 11.44
CA LEU A 233 -3.41 -9.29 12.70
C LEU A 233 -2.18 -8.48 13.10
N TYR A 234 -1.01 -8.78 12.53
CA TYR A 234 0.19 -8.03 12.89
C TYR A 234 0.12 -6.58 12.45
N LYS A 235 -0.30 -6.32 11.20
CA LYS A 235 -0.41 -4.96 10.70
C LYS A 235 -1.76 -4.31 10.97
N LEU A 236 -2.69 -4.99 11.65
CA LEU A 236 -4.01 -4.40 11.87
C LEU A 236 -3.89 -3.04 12.55
N GLY A 237 -3.00 -2.93 13.53
CA GLY A 237 -2.79 -1.66 14.19
C GLY A 237 -2.25 -0.59 13.25
N ASP A 238 -1.32 -0.97 12.39
CA ASP A 238 -0.71 0.00 11.46
C ASP A 238 -1.70 0.52 10.42
N ALA A 239 -2.86 -0.11 10.26
CA ALA A 239 -3.83 0.34 9.28
C ALA A 239 -4.77 1.41 9.82
N PHE A 240 -5.05 1.39 11.13
CA PHE A 240 -5.94 2.40 11.71
C PHE A 240 -5.36 3.80 11.52
N ALA A 241 -4.06 3.97 11.78
CA ALA A 241 -3.44 5.27 11.77
C ALA A 241 -3.24 5.83 10.35
N MET A 242 -3.57 5.07 9.32
CA MET A 242 -3.49 5.54 7.94
C MET A 242 -4.84 5.38 7.23
N SER A 243 -5.92 5.35 7.99
CA SER A 243 -7.26 5.19 7.45
C SER A 243 -8.00 6.50 7.27
N LEU A 244 -8.00 7.36 8.30
CA LEU A 244 -8.73 8.62 8.26
C LEU A 244 -7.86 9.80 8.67
N THR A 245 -6.54 9.70 8.48
CA THR A 245 -5.66 10.82 8.82
C THR A 245 -5.96 12.04 7.97
N THR A 246 -6.21 11.84 6.66
CA THR A 246 -6.50 12.96 5.78
C THR A 246 -7.76 13.69 6.20
N THR A 247 -8.82 12.96 6.56
CA THR A 247 -10.04 13.64 6.96
C THR A 247 -9.88 14.18 8.36
N PHE A 248 -9.20 13.44 9.24
CA PHE A 248 -9.09 13.82 10.63
C PHE A 248 -8.41 15.17 10.77
N LEU A 249 -7.30 15.37 10.07
CA LEU A 249 -6.57 16.64 10.20
C LEU A 249 -7.39 17.82 9.69
N ILE A 250 -7.73 17.81 8.40
CA ILE A 250 -8.40 18.97 7.82
C ILE A 250 -9.78 19.20 8.42
N ARG A 251 -10.46 18.14 8.85
CA ARG A 251 -11.86 18.22 9.29
C ARG A 251 -11.96 18.50 10.78
N GLY A 252 -12.41 19.70 11.13
CA GLY A 252 -12.70 20.01 12.53
C GLY A 252 -11.51 19.79 13.44
N VAL A 253 -10.32 20.18 13.01
CA VAL A 253 -9.08 19.91 13.72
C VAL A 253 -8.14 21.07 13.42
N GLY A 254 -7.06 21.16 14.19
CA GLY A 254 -6.17 22.30 14.10
C GLY A 254 -5.37 22.40 12.83
N PHE A 255 -5.47 21.43 11.91
CA PHE A 255 -4.66 21.52 10.70
C PHE A 255 -5.02 22.78 9.93
N ASP A 256 -6.32 23.05 9.78
CA ASP A 256 -6.83 24.34 9.31
C ASP A 256 -6.59 24.63 7.85
N ALA A 257 -6.06 23.67 7.08
CA ALA A 257 -5.65 23.98 5.71
C ALA A 257 -6.09 22.93 4.70
N GLY A 258 -5.13 22.35 3.99
CA GLY A 258 -5.35 21.43 2.90
C GLY A 258 -4.23 21.72 1.93
N GLU A 259 -3.88 23.01 1.81
CA GLU A 259 -2.69 23.38 1.07
C GLU A 259 -1.46 22.87 1.79
N VAL A 260 -1.51 22.86 3.12
CA VAL A 260 -0.37 22.57 3.98
C VAL A 260 -0.19 21.06 4.05
N GLY A 261 -0.93 20.32 3.22
CA GLY A 261 -1.02 18.87 3.34
C GLY A 261 0.33 18.18 3.22
N MET A 262 1.30 18.82 2.58
CA MET A 262 2.64 18.25 2.51
C MET A 262 3.19 18.02 3.90
N VAL A 263 2.88 18.93 4.82
CA VAL A 263 3.40 18.84 6.18
C VAL A 263 3.03 17.49 6.79
N ASN A 264 1.83 16.98 6.47
CA ASN A 264 1.34 15.77 7.10
C ASN A 264 1.05 14.64 6.12
N LYS A 265 1.39 14.79 4.84
CA LYS A 265 1.15 13.75 3.86
C LYS A 265 2.34 13.52 2.94
N THR A 266 3.42 14.26 3.11
CA THR A 266 4.67 14.06 2.38
C THR A 266 5.81 13.72 3.31
N LEU A 267 5.98 14.46 4.41
CA LEU A 267 7.11 14.24 5.30
C LEU A 267 7.16 12.78 5.74
N GLY A 268 6.00 12.19 6.00
CA GLY A 268 5.94 10.81 6.48
C GLY A 268 6.30 9.77 5.42
N LEU A 269 6.15 10.11 4.15
CA LEU A 269 6.59 9.23 3.07
C LEU A 269 8.10 9.25 2.87
N ILE A 270 8.72 10.43 2.92
CA ILE A 270 10.18 10.48 2.89
C ILE A 270 10.75 9.89 4.17
N ALA A 271 10.09 10.13 5.30
CA ALA A 271 10.54 9.54 6.56
C ALA A 271 10.42 8.02 6.52
N THR A 272 9.38 7.47 5.89
CA THR A 272 9.23 6.03 5.93
C THR A 272 10.19 5.39 4.93
N ILE A 273 10.35 5.99 3.75
CA ILE A 273 11.29 5.42 2.78
C ILE A 273 12.69 5.39 3.39
N ILE A 274 13.08 6.48 4.06
CA ILE A 274 14.38 6.50 4.72
C ILE A 274 14.45 5.45 5.82
N GLY A 275 13.35 5.29 6.58
CA GLY A 275 13.36 4.32 7.65
C GLY A 275 13.55 2.93 7.10
N ALA A 276 12.90 2.63 5.99
CA ALA A 276 13.05 1.31 5.38
C ALA A 276 14.49 1.12 4.94
N LEU A 277 15.11 2.18 4.39
CA LEU A 277 16.48 2.03 3.96
C LEU A 277 17.38 1.71 5.15
N TYR A 278 17.13 2.35 6.29
CA TYR A 278 17.88 1.99 7.49
C TYR A 278 17.62 0.55 7.89
N GLY A 279 16.36 0.12 7.75
CA GLY A 279 15.98 -1.24 8.12
C GLY A 279 16.70 -2.28 7.28
N GLY A 280 17.02 -1.93 6.04
CA GLY A 280 17.64 -2.90 5.15
C GLY A 280 19.06 -3.21 5.58
N VAL A 281 19.85 -2.18 5.88
CA VAL A 281 21.20 -2.41 6.36
C VAL A 281 21.17 -3.00 7.77
N LEU A 282 20.25 -2.52 8.61
CA LEU A 282 20.17 -3.00 9.99
C LEU A 282 19.86 -4.49 10.07
N MET A 283 18.95 -4.98 9.22
CA MET A 283 18.59 -6.40 9.25
C MET A 283 19.80 -7.29 9.07
N GLN A 284 20.69 -6.97 8.13
CA GLN A 284 21.97 -7.66 8.06
C GLN A 284 22.76 -7.44 9.36
N ARG A 285 22.76 -6.20 9.86
CA ARG A 285 23.42 -5.90 11.13
C ARG A 285 22.73 -6.56 12.32
N LEU A 286 21.67 -7.32 12.11
CA LEU A 286 20.94 -7.94 13.22
C LEU A 286 21.87 -8.79 14.07
N SER A 287 21.97 -8.43 15.35
CA SER A 287 22.73 -9.21 16.31
C SER A 287 21.85 -9.94 17.31
N LEU A 288 20.57 -9.59 17.40
CA LEU A 288 19.60 -10.27 18.25
C LEU A 288 18.51 -10.86 17.37
N PHE A 289 18.25 -12.16 17.54
CA PHE A 289 17.33 -12.86 16.66
C PHE A 289 15.90 -12.29 16.70
N ARG A 290 15.56 -11.48 17.71
CA ARG A 290 14.20 -10.95 17.81
C ARG A 290 13.73 -10.36 16.49
N ALA A 291 14.56 -9.49 15.88
CA ALA A 291 14.28 -8.94 14.56
C ALA A 291 12.90 -8.29 14.51
N LEU A 292 11.90 -9.01 14.01
CA LEU A 292 10.56 -8.45 13.88
C LEU A 292 10.06 -7.89 15.21
N LEU A 293 10.09 -8.71 16.26
CA LEU A 293 9.54 -8.32 17.55
C LEU A 293 9.94 -6.89 17.94
N ILE A 294 11.24 -6.62 17.99
CA ILE A 294 11.67 -5.31 18.47
C ILE A 294 11.51 -4.24 17.40
N PHE A 295 11.72 -4.58 16.14
CA PHE A 295 11.67 -3.59 15.07
C PHE A 295 10.24 -3.13 14.80
N GLY A 296 9.25 -3.94 15.12
CA GLY A 296 7.86 -3.59 14.90
C GLY A 296 7.00 -3.50 16.15
N ILE A 297 7.59 -3.68 17.33
CA ILE A 297 6.81 -3.53 18.56
C ILE A 297 6.44 -2.08 18.75
N LEU A 298 7.38 -1.17 18.51
CA LEU A 298 7.17 0.24 18.77
C LEU A 298 6.21 0.89 17.78
N GLN A 299 5.70 0.13 16.81
CA GLN A 299 4.75 0.70 15.86
C GLN A 299 3.50 1.25 16.53
N GLY A 300 3.23 0.87 17.78
CA GLY A 300 2.07 1.39 18.47
C GLY A 300 2.40 2.66 19.22
N VAL A 301 3.56 2.68 19.89
CA VAL A 301 3.93 3.86 20.66
C VAL A 301 4.17 5.04 19.72
N SER A 302 4.48 4.74 18.45
CA SER A 302 4.65 5.79 17.46
C SER A 302 3.30 6.40 17.09
N ASN A 303 2.25 5.59 17.04
CA ASN A 303 0.93 6.11 16.69
C ASN A 303 0.43 7.13 17.71
N ALA A 304 0.98 7.09 18.93
CA ALA A 304 0.55 8.03 19.95
C ALA A 304 0.83 9.44 19.52
N GLY A 305 1.70 9.63 18.54
CA GLY A 305 2.00 10.96 18.06
C GLY A 305 0.73 11.69 17.65
N TYR A 306 -0.15 10.99 16.92
CA TYR A 306 -1.44 11.56 16.60
C TYR A 306 -2.25 11.86 17.85
N TRP A 307 -2.39 10.88 18.74
CA TRP A 307 -3.19 11.09 19.95
C TRP A 307 -2.71 12.31 20.74
N LEU A 308 -1.40 12.44 20.90
CA LEU A 308 -0.82 13.59 21.59
C LEU A 308 -1.15 14.90 20.88
N LEU A 309 -1.38 14.87 19.57
CA LEU A 309 -1.88 16.04 18.88
C LEU A 309 -3.40 16.17 18.88
N SER A 310 -4.12 15.14 19.31
CA SER A 310 -5.58 15.25 19.32
C SER A 310 -6.04 16.29 20.33
N ILE A 311 -5.35 16.41 21.46
CA ILE A 311 -5.68 17.38 22.48
C ILE A 311 -4.83 18.64 22.34
N THR A 312 -4.19 18.84 21.19
CA THR A 312 -3.30 19.96 20.93
C THR A 312 -3.93 20.92 19.93
N ASP A 313 -3.74 22.21 20.16
CA ASP A 313 -4.24 23.23 19.26
C ASP A 313 -3.41 23.24 17.99
N LYS A 314 -3.86 24.03 17.01
CA LYS A 314 -3.21 24.00 15.70
C LYS A 314 -1.72 24.28 15.82
N HIS A 315 -1.34 25.23 16.68
CA HIS A 315 0.08 25.49 16.94
C HIS A 315 0.77 25.93 15.67
N LEU A 316 2.10 25.94 15.66
CA LEU A 316 2.84 26.20 14.43
C LEU A 316 3.40 24.93 13.80
N MET A 317 4.12 24.11 14.58
CA MET A 317 4.77 22.91 14.06
C MET A 317 4.21 21.62 14.65
N SER A 318 3.08 21.68 15.35
CA SER A 318 2.68 20.55 16.19
C SER A 318 2.49 19.28 15.36
N MET A 319 1.76 19.38 14.26
CA MET A 319 1.45 18.18 13.52
C MET A 319 2.68 17.63 12.81
N ALA A 320 3.74 18.42 12.74
CA ALA A 320 4.91 17.97 12.01
C ALA A 320 5.78 17.10 12.90
N VAL A 321 5.55 17.10 14.21
CA VAL A 321 6.37 16.25 15.08
C VAL A 321 6.01 14.78 14.88
N ALA A 322 4.71 14.47 14.79
CA ALA A 322 4.27 13.09 14.61
C ALA A 322 4.43 12.58 13.19
N VAL A 323 4.29 13.44 12.18
CA VAL A 323 4.35 12.98 10.80
C VAL A 323 5.71 12.36 10.51
N PHE A 324 6.77 12.97 11.01
CA PHE A 324 8.11 12.44 10.80
C PHE A 324 8.46 11.29 11.74
N PHE A 325 7.68 11.05 12.80
CA PHE A 325 8.04 9.99 13.74
C PHE A 325 7.21 8.73 13.57
N GLU A 326 5.89 8.84 13.43
CA GLU A 326 5.06 7.64 13.31
C GLU A 326 5.39 6.92 12.02
N ASN A 327 5.37 7.64 10.91
CA ASN A 327 5.62 6.97 9.65
C ASN A 327 7.04 6.45 9.63
N LEU A 328 7.91 7.00 10.50
CA LEU A 328 9.27 6.49 10.57
C LEU A 328 9.28 5.08 11.16
N CYS A 329 8.60 4.88 12.30
CA CYS A 329 8.67 3.58 12.95
C CYS A 329 8.14 2.47 12.07
N GLY A 330 6.93 2.65 11.53
CA GLY A 330 6.40 1.64 10.64
C GLY A 330 7.25 1.48 9.41
N GLY A 331 7.89 2.58 8.98
CA GLY A 331 8.71 2.50 7.81
C GLY A 331 9.86 1.55 8.05
N MET A 332 10.50 1.69 9.20
CA MET A 332 11.59 0.79 9.53
C MET A 332 11.08 -0.65 9.45
N GLY A 333 9.95 -0.93 10.10
CA GLY A 333 9.52 -2.32 10.14
C GLY A 333 9.04 -2.85 8.81
N THR A 334 8.93 -2.00 7.78
CA THR A 334 8.37 -2.48 6.52
C THR A 334 9.25 -3.58 5.97
N ALA A 335 10.54 -3.29 5.81
CA ALA A 335 11.41 -4.27 5.20
C ALA A 335 11.33 -5.58 5.97
N ALA A 336 11.32 -5.48 7.30
CA ALA A 336 11.35 -6.70 8.11
C ALA A 336 10.12 -7.54 7.81
N PHE A 337 8.97 -6.92 7.71
CA PHE A 337 7.76 -7.65 7.35
C PHE A 337 7.92 -8.34 5.99
N VAL A 338 8.16 -7.55 4.93
CA VAL A 338 8.24 -8.12 3.59
C VAL A 338 9.27 -9.24 3.53
N ALA A 339 10.44 -9.02 4.12
CA ALA A 339 11.50 -10.02 4.02
C ALA A 339 11.05 -11.33 4.65
N LEU A 340 10.39 -11.27 5.80
CA LEU A 340 9.90 -12.49 6.42
C LEU A 340 8.80 -13.11 5.58
N LEU A 341 8.08 -12.29 4.83
CA LEU A 341 7.00 -12.81 4.01
C LEU A 341 7.58 -13.50 2.78
N MET A 342 8.74 -13.03 2.31
CA MET A 342 9.38 -13.68 1.16
C MET A 342 9.95 -15.04 1.53
N THR A 343 10.61 -15.14 2.68
CA THR A 343 11.23 -16.42 3.05
C THR A 343 10.20 -17.52 3.19
N LEU A 344 8.97 -17.18 3.58
CA LEU A 344 7.94 -18.20 3.75
C LEU A 344 7.73 -19.02 2.49
N CYS A 345 7.89 -18.40 1.31
CA CYS A 345 7.52 -19.05 0.05
C CYS A 345 8.55 -18.68 -1.01
N ASN A 346 9.49 -19.59 -1.26
CA ASN A 346 10.48 -19.44 -2.31
C ASN A 346 10.67 -20.75 -3.07
N LYS A 347 9.60 -21.51 -3.24
CA LYS A 347 9.71 -22.85 -3.80
C LYS A 347 9.51 -22.81 -5.32
N SER A 348 9.40 -24.00 -5.92
CA SER A 348 9.11 -24.08 -7.35
C SER A 348 7.92 -23.24 -7.76
N PHE A 349 6.85 -23.25 -6.96
CA PHE A 349 5.68 -22.46 -7.31
C PHE A 349 6.02 -20.97 -7.45
N SER A 350 7.04 -20.51 -6.75
CA SER A 350 7.62 -19.18 -6.96
C SER A 350 6.54 -18.13 -6.62
N ALA A 351 6.58 -17.00 -7.34
CA ALA A 351 5.70 -15.89 -7.03
C ALA A 351 4.22 -16.25 -7.19
N THR A 352 3.88 -17.33 -7.91
CA THR A 352 2.47 -17.68 -8.04
C THR A 352 1.86 -17.81 -6.66
N GLN A 353 2.66 -18.23 -5.68
CA GLN A 353 2.17 -18.36 -4.31
C GLN A 353 2.52 -17.16 -3.46
N PHE A 354 3.56 -16.41 -3.82
CA PHE A 354 3.84 -15.18 -3.10
C PHE A 354 2.63 -14.26 -3.16
N ALA A 355 2.04 -14.11 -4.35
CA ALA A 355 0.90 -13.21 -4.50
C ALA A 355 -0.18 -13.52 -3.48
N LEU A 356 -0.31 -14.80 -3.06
CA LEU A 356 -1.29 -15.14 -2.03
C LEU A 356 -0.96 -14.46 -0.71
N LEU A 357 0.30 -14.40 -0.35
CA LEU A 357 0.69 -13.74 0.89
C LEU A 357 0.61 -12.23 0.74
N SER A 358 0.44 -11.75 -0.49
CA SER A 358 0.27 -10.33 -0.73
C SER A 358 -1.22 -9.99 -0.80
N ALA A 359 -2.09 -10.99 -0.92
CA ALA A 359 -3.51 -10.76 -0.74
C ALA A 359 -3.90 -10.71 0.73
N LEU A 360 -3.19 -11.46 1.57
CA LEU A 360 -3.45 -11.44 3.01
C LEU A 360 -2.93 -10.16 3.65
N SER A 361 -1.91 -9.54 3.08
CA SER A 361 -1.33 -8.35 3.69
C SER A 361 -2.21 -7.13 3.50
N ALA A 362 -2.99 -7.09 2.41
CA ALA A 362 -3.86 -5.96 2.10
C ALA A 362 -5.29 -6.16 2.55
N VAL A 363 -5.63 -7.34 3.05
CA VAL A 363 -6.99 -7.57 3.55
C VAL A 363 -7.29 -6.62 4.72
N GLY A 364 -6.35 -6.48 5.65
CA GLY A 364 -6.61 -5.64 6.81
C GLY A 364 -6.80 -4.18 6.45
N ARG A 365 -5.98 -3.66 5.54
CA ARG A 365 -5.99 -2.24 5.21
C ARG A 365 -7.06 -1.88 4.19
N VAL A 366 -7.62 -2.87 3.49
CA VAL A 366 -8.69 -2.60 2.54
C VAL A 366 -10.04 -2.52 3.25
N TYR A 367 -10.32 -3.43 4.19
CA TYR A 367 -11.60 -3.47 4.87
C TYR A 367 -11.64 -2.68 6.16
N VAL A 368 -10.55 -2.00 6.53
CA VAL A 368 -10.49 -1.29 7.81
C VAL A 368 -11.28 0.01 7.82
N GLY A 369 -11.54 0.61 6.67
CA GLY A 369 -12.14 1.93 6.62
C GLY A 369 -13.51 2.01 7.26
N PRO A 370 -14.51 1.31 6.71
CA PRO A 370 -15.88 1.53 7.21
C PRO A 370 -16.01 1.22 8.69
N ILE A 371 -15.33 0.16 9.14
CA ILE A 371 -15.37 -0.21 10.55
C ILE A 371 -14.73 0.86 11.40
N ALA A 372 -13.59 1.41 10.95
CA ALA A 372 -12.98 2.46 11.74
C ALA A 372 -13.90 3.68 11.81
N GLY A 373 -14.52 4.01 10.67
CA GLY A 373 -15.38 5.18 10.65
C GLY A 373 -16.54 5.05 11.63
N TRP A 374 -17.17 3.87 11.65
CA TRP A 374 -18.28 3.69 12.56
C TRP A 374 -17.83 3.94 14.00
N PHE A 375 -16.59 3.55 14.33
CA PHE A 375 -16.12 3.85 15.68
C PHE A 375 -15.75 5.31 15.85
N VAL A 376 -15.47 6.03 14.76
CA VAL A 376 -15.06 7.43 14.89
C VAL A 376 -16.29 8.32 14.91
N GLU A 377 -17.46 7.72 14.82
CA GLU A 377 -18.73 8.45 14.87
C GLU A 377 -19.21 8.57 16.32
N ALA A 378 -19.39 7.45 17.00
CA ALA A 378 -19.94 7.47 18.35
C ALA A 378 -19.00 8.14 19.35
N HIS A 379 -17.81 7.58 19.55
CA HIS A 379 -16.92 8.06 20.61
C HIS A 379 -15.90 9.12 20.14
N GLY A 380 -16.22 9.88 19.10
CA GLY A 380 -15.30 10.86 18.55
C GLY A 380 -14.04 10.30 17.92
N TRP A 381 -12.99 11.13 17.90
CA TRP A 381 -11.65 10.77 17.42
C TRP A 381 -10.69 10.24 18.47
N PRO A 382 -10.54 10.91 19.63
CA PRO A 382 -9.42 10.56 20.53
C PRO A 382 -9.41 9.11 20.99
N THR A 383 -10.51 8.68 21.58
CA THR A 383 -10.55 7.31 22.09
C THR A 383 -10.47 6.30 20.96
N PHE A 384 -10.71 6.73 19.72
CA PHE A 384 -10.47 5.84 18.60
C PHE A 384 -8.98 5.68 18.35
N TYR A 385 -8.19 6.71 18.67
CA TYR A 385 -6.75 6.66 18.51
C TYR A 385 -6.06 5.95 19.67
N LEU A 386 -6.70 5.90 20.84
CA LEU A 386 -6.04 5.33 22.02
C LEU A 386 -6.24 3.83 22.13
N PHE A 387 -7.49 3.37 22.20
CA PHE A 387 -7.78 1.96 22.40
C PHE A 387 -7.86 1.19 21.08
N SER A 388 -8.72 1.63 20.17
CA SER A 388 -8.88 0.94 18.90
C SER A 388 -7.55 0.78 18.16
N VAL A 389 -6.73 1.84 18.14
CA VAL A 389 -5.43 1.71 17.48
C VAL A 389 -4.56 0.66 18.18
N PHE A 390 -4.55 0.67 19.51
CA PHE A 390 -3.68 -0.23 20.26
C PHE A 390 -4.26 -1.62 20.40
N ALA A 391 -5.33 -1.93 19.66
CA ALA A 391 -5.92 -3.28 19.70
C ALA A 391 -4.96 -4.34 19.18
N ALA A 392 -4.05 -3.97 18.27
CA ALA A 392 -3.18 -4.95 17.63
C ALA A 392 -1.85 -5.13 18.34
N VAL A 393 -1.58 -4.36 19.40
CA VAL A 393 -0.35 -4.57 20.17
C VAL A 393 -0.39 -5.96 20.79
N PRO A 394 -1.51 -6.47 21.29
CA PRO A 394 -1.55 -7.87 21.74
C PRO A 394 -1.20 -8.85 20.65
N GLY A 395 -1.54 -8.54 19.39
CA GLY A 395 -1.16 -9.43 18.30
C GLY A 395 0.35 -9.62 18.21
N ILE A 396 1.11 -8.56 18.49
CA ILE A 396 2.56 -8.70 18.54
C ILE A 396 2.93 -9.67 19.64
N LEU A 397 2.20 -9.62 20.75
CA LEU A 397 2.46 -10.56 21.83
C LEU A 397 2.21 -11.98 21.34
N LEU A 398 1.17 -12.17 20.53
CA LEU A 398 0.90 -13.50 20.01
C LEU A 398 2.03 -13.95 19.11
N LEU A 399 2.69 -13.01 18.43
CA LEU A 399 3.79 -13.39 17.56
C LEU A 399 4.87 -14.11 18.34
N LEU A 400 4.97 -13.82 19.64
CA LEU A 400 5.96 -14.50 20.46
C LEU A 400 5.71 -16.00 20.46
N ILE A 401 4.45 -16.40 20.58
CA ILE A 401 4.16 -17.83 20.51
C ILE A 401 4.49 -18.33 19.12
N CYS A 402 4.12 -17.56 18.09
CA CYS A 402 4.40 -17.97 16.73
C CYS A 402 5.90 -18.10 16.49
N ARG A 403 6.72 -17.57 17.40
CA ARG A 403 8.17 -17.72 17.29
C ARG A 403 8.66 -19.08 17.74
N LYS A 404 7.79 -20.05 17.99
CA LYS A 404 8.25 -21.39 18.29
C LYS A 404 8.55 -22.16 17.00
N THR A 405 7.73 -21.94 15.98
CA THR A 405 7.88 -22.57 14.67
C THR A 405 8.76 -21.74 13.74
N LEU A 406 8.66 -20.41 13.84
CA LEU A 406 9.50 -19.54 13.03
C LEU A 406 10.97 -19.65 13.42
N GLU A 407 11.26 -19.81 14.71
CA GLU A 407 12.66 -19.94 15.11
C GLU A 407 13.28 -21.19 14.49
N TYR A 408 12.51 -22.27 14.37
CA TYR A 408 13.06 -23.53 13.88
C TYR A 408 13.62 -23.37 12.47
N THR A 409 12.87 -22.72 11.59
CA THR A 409 13.32 -22.54 10.21
C THR A 409 14.47 -21.53 10.15
C1 2YP B . 2.39 -3.94 -2.71
O1 2YP B . 2.94 -3.93 -1.45
C2 2YP B . 2.24 -5.42 -3.01
C3 2YP B . 1.38 -5.63 -4.22
O3 2YP B . 1.17 -7.00 -4.10
C4 2YP B . 0.07 -4.86 -4.14
OAC 2YP B . 4.14 -5.13 -5.13
CAB 2YP B . 4.33 -5.93 -4.23
CAA 2YP B . 5.57 -6.80 -4.20
N2 2YP B . 3.49 -6.12 -3.20
O4 2YP B . 0.01 -4.07 -5.30
C5 2YP B . -0.08 -3.89 -2.94
C6 2YP B . -0.59 -4.64 -1.73
O6 2YP B . -1.99 -4.58 -1.71
O5 2YP B . 1.17 -3.26 -2.62
CA4 2YP B . 3.99 -3.01 -1.20
CA3 2YP B . 3.74 -2.40 0.22
OAH 2YP B . 3.41 -1.06 0.05
CAI 2YP B . 2.47 -0.57 0.99
CAJ 2YP B . 1.10 -0.57 0.33
CAL 2YP B . 2.90 0.85 1.42
OAM 2YP B . 2.14 1.79 1.15
O 2YP B . 3.99 0.90 2.02
CA5 2YP B . 5.30 -3.80 -1.39
OA5 2YP B . 5.88 -4.09 -0.18
CA6 2YP B . 6.31 -2.80 -1.97
OA6 2YP B . 6.39 -2.03 -0.75
CA1 2YP B . 6.20 -2.89 0.36
CA2 2YP B . 5.01 -2.39 1.15
NAD 2YP B . 4.78 -3.23 2.32
CAE 2YP B . 4.33 -4.49 2.28
OAG 2YP B . 4.08 -5.11 1.25
CAF 2YP B . 4.17 -5.13 3.64
#